data_2IAB
#
_entry.id   2IAB
#
_cell.length_a   87.890
_cell.length_b   87.890
_cell.length_c   151.580
_cell.angle_alpha   90.000
_cell.angle_beta   90.000
_cell.angle_gamma   120.000
#
_symmetry.space_group_name_H-M   'P 65 2 2'
#
loop_
_entity.id
_entity.type
_entity.pdbx_description
1 polymer 'Hypothetical protein'
2 non-polymer 'ISOPROPYL ALCOHOL'
3 water water
#
_entity_poly.entity_id   1
_entity_poly.type   'polypeptide(L)'
_entity_poly.pdbx_seq_one_letter_code
;G(MSE)TTPPARTAKQRIQDTLNRLELDVDAWVSTAGADGGAPYLVPLSYLWDGETFLVATPAASPTGRNLSETGRVRLG
IGPTRDLVLVEGTALPLEPAGLPDGVGDTFAEKTGFDPRRLTTSYLYFRISPRRVQAWREANELSGREL(MSE)RDGEWL
VTD
;
_entity_poly.pdbx_strand_id   A,B
#
# COMPACT_ATOMS: atom_id res chain seq x y z
N THR A 3 5.46 -24.45 9.97
CA THR A 3 4.02 -24.38 10.37
C THR A 3 3.66 -22.93 10.78
N THR A 4 2.35 -22.66 10.89
CA THR A 4 1.85 -21.39 11.44
C THR A 4 2.18 -21.31 12.94
N PRO A 5 3.15 -20.45 13.32
CA PRO A 5 3.46 -20.29 14.74
C PRO A 5 2.31 -19.61 15.49
N PRO A 6 2.17 -19.90 16.81
CA PRO A 6 1.14 -19.22 17.61
C PRO A 6 1.24 -17.69 17.51
N ALA A 7 0.09 -17.01 17.65
CA ALA A 7 0.00 -15.56 17.60
C ALA A 7 0.99 -14.95 18.58
N ARG A 8 1.73 -13.94 18.10
CA ARG A 8 2.65 -13.21 18.97
C ARG A 8 1.87 -12.30 19.93
N THR A 9 2.40 -12.21 21.17
CA THR A 9 2.00 -11.16 22.14
C THR A 9 2.29 -9.72 21.65
N ALA A 10 1.61 -8.77 22.28
CA ALA A 10 1.76 -7.34 21.98
C ALA A 10 3.19 -6.80 22.18
N LYS A 11 3.81 -7.10 23.30
CA LYS A 11 5.22 -6.76 23.54
C LYS A 11 6.16 -7.34 22.46
N GLN A 12 5.98 -8.61 22.10
N GLN A 12 5.96 -8.62 22.14
CA GLN A 12 6.87 -9.22 21.08
CA GLN A 12 6.72 -9.32 21.10
C GLN A 12 6.54 -8.70 19.67
C GLN A 12 6.52 -8.66 19.73
N ARG A 13 5.25 -8.44 19.39
CA ARG A 13 4.88 -7.82 18.13
C ARG A 13 5.49 -6.44 18.00
N ILE A 14 5.53 -5.70 19.10
CA ILE A 14 6.04 -4.36 19.01
C ILE A 14 7.54 -4.41 18.71
N GLN A 15 8.27 -5.23 19.46
CA GLN A 15 9.70 -5.41 19.21
C GLN A 15 9.98 -5.88 17.78
N ASP A 16 9.22 -6.85 17.29
CA ASP A 16 9.34 -7.34 15.91
C ASP A 16 9.01 -6.23 14.90
N THR A 17 7.99 -5.46 15.20
CA THR A 17 7.61 -4.34 14.33
C THR A 17 8.71 -3.28 14.26
N LEU A 18 9.24 -2.90 15.41
CA LEU A 18 10.37 -1.99 15.46
C LEU A 18 11.56 -2.54 14.65
N ASN A 19 11.86 -3.81 14.78
CA ASN A 19 12.98 -4.38 13.97
C ASN A 19 12.69 -4.26 12.44
N ARG A 20 11.44 -4.50 12.05
CA ARG A 20 11.04 -4.44 10.65
C ARG A 20 11.19 -2.99 10.17
N LEU A 21 10.76 -2.02 10.99
CA LEU A 21 10.86 -0.61 10.62
C LEU A 21 12.31 -0.19 10.45
N GLU A 22 13.21 -0.72 11.29
CA GLU A 22 14.62 -0.40 11.22
C GLU A 22 15.25 -1.09 10.02
N LEU A 23 14.72 -2.24 9.63
CA LEU A 23 15.32 -3.00 8.54
C LEU A 23 14.90 -2.60 7.11
N ASP A 24 13.61 -2.49 6.85
CA ASP A 24 13.13 -2.28 5.50
C ASP A 24 13.51 -0.87 5.00
N VAL A 25 13.69 -0.78 3.71
CA VAL A 25 14.08 0.46 3.07
C VAL A 25 12.88 1.20 2.48
N ASP A 26 11.93 0.43 1.96
CA ASP A 26 10.79 0.98 1.23
C ASP A 26 9.45 0.76 1.97
N ALA A 27 8.54 1.69 1.71
CA ALA A 27 7.14 1.65 2.10
C ALA A 27 6.23 1.97 0.94
N TRP A 28 5.08 1.32 0.95
CA TRP A 28 3.99 1.71 0.08
C TRP A 28 3.33 2.94 0.72
N VAL A 29 3.28 4.04 -0.02
CA VAL A 29 2.85 5.32 0.52
C VAL A 29 1.51 5.64 -0.11
N SER A 30 0.48 5.64 0.74
CA SER A 30 -0.87 5.85 0.31
C SER A 30 -1.37 7.23 0.75
N THR A 31 -1.84 7.98 -0.24
CA THR A 31 -2.30 9.37 -0.06
C THR A 31 -3.60 9.57 -0.84
N ALA A 32 -4.19 10.75 -0.64
CA ALA A 32 -5.44 11.12 -1.29
C ALA A 32 -5.42 12.60 -1.62
N GLY A 33 -5.97 12.96 -2.78
CA GLY A 33 -6.18 14.39 -3.12
C GLY A 33 -7.19 15.06 -2.20
N ALA A 34 -7.09 16.38 -2.16
CA ALA A 34 -7.87 17.24 -1.30
C ALA A 34 -9.32 17.24 -1.71
N ASP A 35 -9.58 16.97 -2.98
CA ASP A 35 -10.92 17.04 -3.53
C ASP A 35 -11.76 15.73 -3.58
N GLY A 36 -11.28 14.62 -3.05
CA GLY A 36 -12.19 13.50 -2.77
C GLY A 36 -12.26 12.45 -3.85
N GLY A 37 -12.44 11.20 -3.42
CA GLY A 37 -12.26 10.03 -4.30
C GLY A 37 -11.05 10.07 -5.24
N ALA A 38 -9.90 10.51 -4.76
CA ALA A 38 -8.68 10.52 -5.58
C ALA A 38 -7.50 9.83 -4.87
N PRO A 39 -7.51 8.49 -4.83
CA PRO A 39 -6.40 7.77 -4.20
C PRO A 39 -5.10 7.81 -5.00
N TYR A 40 -3.98 7.69 -4.31
CA TYR A 40 -2.69 7.59 -4.97
C TYR A 40 -1.83 6.65 -4.13
N LEU A 41 -1.09 5.77 -4.82
CA LEU A 41 -0.23 4.80 -4.19
C LEU A 41 1.06 4.66 -4.97
N VAL A 42 2.17 4.73 -4.23
CA VAL A 42 3.50 4.51 -4.82
C VAL A 42 4.47 4.09 -3.69
N PRO A 43 5.44 3.22 -3.98
CA PRO A 43 6.51 3.02 -2.96
C PRO A 43 7.55 4.12 -2.92
N LEU A 44 7.92 4.53 -1.73
CA LEU A 44 9.06 5.42 -1.56
C LEU A 44 9.95 4.80 -0.49
N SER A 45 11.18 5.25 -0.48
CA SER A 45 12.14 4.94 0.55
C SER A 45 11.87 5.76 1.82
N TYR A 46 12.24 5.23 2.99
CA TYR A 46 12.02 5.91 4.22
C TYR A 46 13.17 5.71 5.18
N LEU A 47 13.25 6.63 6.12
CA LEU A 47 14.08 6.47 7.31
C LEU A 47 13.19 6.51 8.52
N TRP A 48 13.32 5.48 9.35
CA TRP A 48 12.69 5.44 10.67
C TRP A 48 13.74 5.62 11.78
N ASP A 49 13.46 6.53 12.71
CA ASP A 49 14.40 6.80 13.81
C ASP A 49 13.97 6.31 15.20
N GLY A 50 12.92 5.48 15.25
CA GLY A 50 12.36 5.08 16.55
C GLY A 50 11.14 5.87 16.96
N GLU A 51 10.87 6.97 16.26
CA GLU A 51 9.81 7.88 16.64
C GLU A 51 8.96 8.37 15.46
N THR A 52 9.63 8.81 14.41
CA THR A 52 8.99 9.28 13.18
C THR A 52 9.65 8.63 11.94
N PHE A 53 8.93 8.69 10.84
CA PHE A 53 9.38 8.34 9.52
C PHE A 53 9.71 9.64 8.78
N LEU A 54 10.69 9.53 7.92
CA LEU A 54 11.08 10.56 7.02
C LEU A 54 11.13 10.00 5.61
N VAL A 55 10.41 10.67 4.72
CA VAL A 55 10.39 10.31 3.28
C VAL A 55 10.78 11.59 2.52
N ALA A 56 11.16 11.46 1.26
CA ALA A 56 11.42 12.63 0.48
C ALA A 56 10.82 12.42 -0.93
N THR A 57 10.21 13.47 -1.48
CA THR A 57 9.67 13.43 -2.83
C THR A 57 9.69 14.84 -3.43
N PRO A 58 9.73 14.97 -4.80
CA PRO A 58 9.58 16.28 -5.33
C PRO A 58 8.34 16.95 -4.79
N ALA A 59 8.46 18.22 -4.42
CA ALA A 59 7.30 18.96 -3.92
C ALA A 59 6.11 18.84 -4.87
N ALA A 60 6.42 18.80 -6.18
CA ALA A 60 5.39 18.80 -7.22
C ALA A 60 4.81 17.43 -7.58
N SER A 61 5.33 16.35 -7.00
CA SER A 61 4.86 14.98 -7.32
C SER A 61 3.45 14.82 -6.72
N PRO A 62 2.65 13.89 -7.24
CA PRO A 62 1.33 13.67 -6.63
C PRO A 62 1.39 13.40 -5.15
N THR A 63 2.39 12.63 -4.72
CA THR A 63 2.60 12.34 -3.30
C THR A 63 2.92 13.58 -2.55
N GLY A 64 3.90 14.35 -3.06
CA GLY A 64 4.27 15.61 -2.42
C GLY A 64 3.13 16.60 -2.25
N ARG A 65 2.33 16.74 -3.30
CA ARG A 65 1.16 17.62 -3.27
C ARG A 65 0.10 17.12 -2.31
N ASN A 66 -0.18 15.83 -2.31
CA ASN A 66 -1.18 15.30 -1.37
C ASN A 66 -0.71 15.45 0.06
N LEU A 67 0.57 15.18 0.32
CA LEU A 67 1.10 15.35 1.64
C LEU A 67 1.04 16.83 2.15
N SER A 68 1.44 17.75 1.29
CA SER A 68 1.41 19.17 1.59
C SER A 68 0.03 19.66 1.85
N GLU A 69 -0.92 19.21 1.03
CA GLU A 69 -2.26 19.79 1.06
C GLU A 69 -3.10 19.14 2.12
N THR A 70 -2.88 17.86 2.41
CA THR A 70 -3.78 17.13 3.32
C THR A 70 -3.12 16.73 4.63
N GLY A 71 -1.81 16.58 4.65
CA GLY A 71 -1.12 16.11 5.79
C GLY A 71 -1.44 14.70 6.28
N ARG A 72 -2.09 13.87 5.48
CA ARG A 72 -2.46 12.52 5.96
C ARG A 72 -1.83 11.49 5.06
N VAL A 73 -1.45 10.35 5.65
CA VAL A 73 -0.69 9.31 4.94
C VAL A 73 -0.94 7.97 5.59
N ARG A 74 -0.94 6.93 4.76
CA ARG A 74 -0.86 5.56 5.23
C ARG A 74 0.38 4.88 4.62
N LEU A 75 1.06 4.10 5.43
CA LEU A 75 2.26 3.32 5.03
C LEU A 75 2.00 1.83 5.18
N GLY A 76 2.29 1.09 4.11
CA GLY A 76 2.27 -0.38 4.07
C GLY A 76 3.72 -0.86 3.97
N ILE A 77 4.17 -1.56 5.01
CA ILE A 77 5.56 -1.98 5.13
C ILE A 77 5.60 -3.46 5.41
N GLY A 78 6.53 -4.10 4.72
CA GLY A 78 6.87 -5.46 4.97
C GLY A 78 6.45 -6.41 3.89
N PRO A 79 7.01 -7.64 3.93
CA PRO A 79 6.80 -8.61 2.93
C PRO A 79 5.49 -9.29 3.17
N THR A 80 5.23 -10.23 2.28
CA THR A 80 3.94 -10.94 2.24
C THR A 80 3.63 -11.58 3.60
N ARG A 81 2.44 -11.28 4.13
CA ARG A 81 1.99 -11.94 5.35
C ARG A 81 2.94 -11.72 6.55
N ASP A 82 3.71 -10.63 6.52
CA ASP A 82 4.37 -10.08 7.69
C ASP A 82 4.35 -8.54 7.58
N LEU A 83 3.16 -8.00 7.71
CA LEU A 83 2.89 -6.62 7.35
C LEU A 83 2.81 -5.74 8.55
N VAL A 84 3.19 -4.48 8.30
CA VAL A 84 2.99 -3.37 9.19
C VAL A 84 2.23 -2.25 8.45
N LEU A 85 1.13 -1.80 9.05
CA LEU A 85 0.30 -0.77 8.51
C LEU A 85 0.26 0.43 9.45
N VAL A 86 0.68 1.58 8.93
CA VAL A 86 0.82 2.78 9.73
C VAL A 86 -0.15 3.86 9.24
N GLU A 87 -0.88 4.48 10.17
CA GLU A 87 -1.63 5.71 9.87
CA GLU A 87 -1.66 5.68 9.89
C GLU A 87 -0.90 6.85 10.53
N GLY A 88 -0.67 7.91 9.76
CA GLY A 88 0.13 9.03 10.26
C GLY A 88 -0.24 10.39 9.69
N THR A 89 0.33 11.42 10.29
CA THR A 89 0.17 12.78 9.85
C THR A 89 1.56 13.23 9.39
N ALA A 90 1.60 14.05 8.35
CA ALA A 90 2.84 14.45 7.71
C ALA A 90 3.04 15.95 7.65
N LEU A 91 4.26 16.40 7.95
CA LEU A 91 4.64 17.81 7.84
C LEU A 91 5.89 17.97 7.00
N PRO A 92 5.95 19.05 6.21
CA PRO A 92 7.09 19.21 5.28
C PRO A 92 8.34 19.80 5.96
N LEU A 93 9.51 19.41 5.48
CA LEU A 93 10.78 20.03 5.90
C LEU A 93 11.51 20.32 4.59
N GLU A 94 11.93 21.56 4.42
CA GLU A 94 12.81 21.90 3.34
C GLU A 94 14.20 21.26 3.56
N PRO A 95 14.86 20.84 2.47
CA PRO A 95 16.21 20.29 2.51
C PRO A 95 17.21 21.12 3.31
N ALA A 96 17.13 22.45 3.22
CA ALA A 96 17.96 23.31 4.07
C ALA A 96 17.49 23.44 5.53
N GLY A 97 16.35 22.89 5.90
CA GLY A 97 15.83 23.03 7.25
C GLY A 97 15.73 21.72 8.01
N LEU A 98 16.55 20.74 7.63
CA LEU A 98 16.56 19.44 8.35
C LEU A 98 17.30 19.62 9.66
N PRO A 99 16.93 18.89 10.70
CA PRO A 99 17.80 18.92 11.90
C PRO A 99 19.22 18.43 11.57
N ASP A 100 20.17 18.83 12.38
CA ASP A 100 21.56 18.39 12.23
C ASP A 100 21.65 16.88 12.10
N GLY A 101 22.34 16.43 11.07
CA GLY A 101 22.68 15.01 10.96
C GLY A 101 21.63 14.18 10.22
N VAL A 102 20.41 14.68 10.12
CA VAL A 102 19.34 13.90 9.54
C VAL A 102 19.47 13.64 8.03
N GLY A 103 19.90 14.64 7.27
CA GLY A 103 20.07 14.51 5.83
C GLY A 103 21.09 13.40 5.51
N ASP A 104 22.21 13.41 6.22
CA ASP A 104 23.23 12.38 6.09
C ASP A 104 22.69 10.98 6.41
N THR A 105 21.96 10.85 7.50
CA THR A 105 21.38 9.58 7.88
C THR A 105 20.41 9.10 6.80
N PHE A 106 19.55 10.01 6.32
CA PHE A 106 18.59 9.68 5.31
C PHE A 106 19.30 9.14 4.05
N ALA A 107 20.32 9.88 3.59
CA ALA A 107 21.09 9.52 2.39
C ALA A 107 21.75 8.17 2.51
N GLU A 108 22.27 7.85 3.71
CA GLU A 108 22.92 6.56 3.96
C GLU A 108 21.92 5.43 3.97
N LYS A 109 20.72 5.66 4.52
CA LYS A 109 19.73 4.63 4.53
C LYS A 109 19.13 4.34 3.12
N THR A 110 18.92 5.37 2.32
CA THR A 110 18.10 5.24 1.12
C THR A 110 18.89 5.24 -0.16
N GLY A 111 20.10 5.76 -0.15
CA GLY A 111 20.87 5.88 -1.37
C GLY A 111 20.69 7.12 -2.17
N PHE A 112 19.91 8.07 -1.71
CA PHE A 112 19.83 9.33 -2.46
C PHE A 112 19.75 10.51 -1.51
N ASP A 113 20.18 11.66 -2.00
CA ASP A 113 20.31 12.84 -1.19
C ASP A 113 19.67 14.05 -1.89
N PRO A 114 18.39 14.33 -1.56
CA PRO A 114 17.63 15.50 -2.05
C PRO A 114 18.32 16.84 -1.96
N ARG A 115 19.16 17.02 -0.95
CA ARG A 115 19.94 18.24 -0.79
C ARG A 115 20.84 18.50 -2.01
N ARG A 116 21.29 17.45 -2.69
CA ARG A 116 22.20 17.55 -3.83
C ARG A 116 21.50 17.47 -5.21
N LEU A 117 20.16 17.56 -5.27
CA LEU A 117 19.47 17.38 -6.54
C LEU A 117 18.88 18.71 -6.98
N THR A 118 18.77 18.91 -8.28
CA THR A 118 18.30 20.18 -8.83
C THR A 118 16.80 20.32 -8.70
N THR A 119 16.09 19.22 -8.93
CA THR A 119 14.65 19.19 -8.72
C THR A 119 14.35 19.61 -7.28
N SER A 120 13.32 20.42 -7.10
CA SER A 120 12.92 20.87 -5.78
C SER A 120 12.15 19.74 -4.98
N TYR A 121 12.85 19.18 -3.97
CA TYR A 121 12.31 18.15 -3.08
C TYR A 121 11.80 18.74 -1.78
N LEU A 122 10.78 18.10 -1.23
CA LEU A 122 10.46 18.22 0.18
C LEU A 122 10.72 16.88 0.91
N TYR A 123 11.18 16.97 2.14
CA TYR A 123 11.10 15.84 3.06
C TYR A 123 9.77 15.97 3.82
N PHE A 124 9.16 14.87 4.14
CA PHE A 124 8.04 14.86 5.02
C PHE A 124 8.34 13.99 6.22
N ARG A 125 8.11 14.54 7.40
CA ARG A 125 8.27 13.83 8.66
C ARG A 125 6.91 13.36 9.06
N ILE A 126 6.78 12.04 9.22
CA ILE A 126 5.48 11.40 9.46
C ILE A 126 5.47 10.89 10.87
N SER A 127 4.49 11.40 11.60
CA SER A 127 4.25 11.05 12.97
C SER A 127 3.19 9.96 13.03
N PRO A 128 3.55 8.76 13.47
CA PRO A 128 2.55 7.69 13.50
C PRO A 128 1.48 7.89 14.54
N ARG A 129 0.25 7.57 14.21
CA ARG A 129 -0.83 7.69 15.16
C ARG A 129 -1.41 6.30 15.48
N ARG A 130 -1.46 5.45 14.46
CA ARG A 130 -1.97 4.09 14.60
C ARG A 130 -1.05 3.16 13.83
N VAL A 131 -0.79 2.00 14.42
CA VAL A 131 -0.02 0.93 13.81
C VAL A 131 -0.71 -0.41 14.02
N GLN A 132 -0.82 -1.14 12.93
CA GLN A 132 -1.30 -2.51 12.99
C GLN A 132 -0.24 -3.41 12.39
N ALA A 133 -0.09 -4.61 12.95
CA ALA A 133 0.93 -5.58 12.48
C ALA A 133 0.41 -6.94 12.58
N TRP A 134 0.44 -7.68 11.50
CA TRP A 134 0.08 -9.08 11.62
C TRP A 134 0.66 -9.97 10.52
N ARG A 135 0.66 -11.26 10.82
CA ARG A 135 1.19 -12.30 9.94
C ARG A 135 0.01 -13.10 9.37
N GLU A 136 -0.31 -14.25 9.93
CA GLU A 136 -1.37 -15.03 9.29
C GLU A 136 -2.68 -14.62 9.92
N ALA A 137 -3.76 -15.29 9.51
CA ALA A 137 -5.11 -14.98 9.99
C ALA A 137 -5.21 -15.03 11.51
N ASN A 138 -4.46 -15.96 12.14
CA ASN A 138 -4.45 -16.10 13.62
C ASN A 138 -4.00 -14.85 14.38
N GLU A 139 -3.38 -13.90 13.67
CA GLU A 139 -2.92 -12.66 14.29
C GLU A 139 -3.79 -11.45 13.94
N LEU A 140 -4.90 -11.67 13.23
CA LEU A 140 -5.89 -10.60 13.07
C LEU A 140 -6.29 -10.09 14.45
N SER A 141 -6.61 -11.01 15.34
CA SER A 141 -6.76 -10.72 16.76
C SER A 141 -5.45 -10.22 17.33
N GLY A 142 -5.48 -9.03 17.92
CA GLY A 142 -4.31 -8.45 18.57
C GLY A 142 -3.40 -7.68 17.62
N ARG A 143 -3.92 -7.37 16.43
CA ARG A 143 -3.12 -6.72 15.40
C ARG A 143 -2.85 -5.23 15.69
N GLU A 144 -3.67 -4.55 16.50
CA GLU A 144 -3.41 -3.12 16.78
C GLU A 144 -2.38 -2.89 17.87
N LEU A 145 -1.31 -2.15 17.53
CA LEU A 145 -0.14 -2.04 18.40
C LEU A 145 0.08 -0.64 18.91
N ARG A 147 -2.25 3.16 19.15
CA ARG A 147 -3.45 3.92 18.98
C ARG A 147 -3.20 5.27 19.60
N ASP A 148 -3.73 6.31 18.95
CA ASP A 148 -3.56 7.71 19.38
C ASP A 148 -2.13 8.08 19.67
N GLY A 149 -1.20 7.53 18.88
CA GLY A 149 0.16 7.95 18.95
C GLY A 149 0.98 7.26 20.01
N GLU A 150 0.40 6.31 20.70
CA GLU A 150 1.09 5.62 21.83
C GLU A 150 1.12 4.14 21.57
N TRP A 151 2.29 3.51 21.70
CA TRP A 151 2.39 2.07 21.65
C TRP A 151 1.54 1.47 22.79
N LEU A 152 0.84 0.36 22.52
CA LEU A 152 -0.08 -0.23 23.50
C LEU A 152 0.65 -1.22 24.38
N VAL A 153 0.60 -0.92 25.67
CA VAL A 153 1.24 -1.72 26.70
C VAL A 153 0.12 -2.23 27.57
N THR A 154 0.11 -3.53 27.83
CA THR A 154 -0.88 -4.14 28.66
C THR A 154 -0.99 -3.53 30.07
N ASP A 155 -2.23 -3.29 30.53
CA ASP A 155 -2.51 -2.67 31.83
C ASP A 155 -2.17 -3.58 32.98
N THR B 3 23.53 -8.98 -11.00
CA THR B 3 23.48 -7.53 -11.34
C THR B 3 22.09 -7.02 -11.64
N THR B 4 22.01 -5.74 -11.99
CA THR B 4 20.77 -5.12 -12.40
C THR B 4 20.44 -5.41 -13.90
N PRO B 5 19.30 -6.10 -14.15
CA PRO B 5 18.99 -6.38 -15.57
C PRO B 5 18.58 -5.11 -16.38
N PRO B 6 18.88 -5.11 -17.70
CA PRO B 6 18.54 -3.96 -18.53
C PRO B 6 17.02 -3.71 -18.49
N ALA B 7 16.61 -2.46 -18.77
CA ALA B 7 15.20 -2.07 -18.73
C ALA B 7 14.43 -3.03 -19.57
N ARG B 8 13.24 -3.44 -19.11
CA ARG B 8 12.53 -4.51 -19.80
C ARG B 8 11.80 -3.98 -21.04
N THR B 9 11.83 -4.81 -22.10
CA THR B 9 10.91 -4.71 -23.26
C THR B 9 9.51 -4.79 -22.76
N ALA B 10 8.59 -4.05 -23.37
CA ALA B 10 7.22 -4.07 -22.90
C ALA B 10 6.73 -5.54 -22.87
N LYS B 11 7.12 -6.34 -23.87
CA LYS B 11 6.67 -7.70 -24.02
C LYS B 11 7.10 -8.53 -22.82
N GLN B 12 8.35 -8.39 -22.42
CA GLN B 12 8.89 -9.18 -21.32
C GLN B 12 8.32 -8.73 -19.98
N ARG B 13 8.11 -7.41 -19.82
CA ARG B 13 7.46 -6.83 -18.64
C ARG B 13 6.03 -7.26 -18.51
N ILE B 14 5.32 -7.33 -19.62
CA ILE B 14 3.94 -7.79 -19.57
C ILE B 14 3.90 -9.25 -19.11
N GLN B 15 4.79 -10.08 -19.67
CA GLN B 15 4.86 -11.51 -19.30
C GLN B 15 5.17 -11.64 -17.83
N ASP B 16 6.18 -10.90 -17.35
CA ASP B 16 6.55 -10.91 -15.94
C ASP B 16 5.37 -10.46 -15.10
N THR B 17 4.68 -9.38 -15.53
CA THR B 17 3.54 -8.83 -14.81
C THR B 17 2.37 -9.80 -14.70
N LEU B 18 2.02 -10.45 -15.81
CA LEU B 18 1.00 -11.48 -15.79
C LEU B 18 1.36 -12.68 -14.89
N ASN B 19 2.62 -13.13 -14.92
CA ASN B 19 3.06 -14.15 -13.97
C ASN B 19 2.88 -13.74 -12.52
N ARG B 20 3.26 -12.49 -12.20
CA ARG B 20 3.14 -11.99 -10.86
C ARG B 20 1.66 -12.04 -10.45
N LEU B 21 0.79 -11.56 -11.31
CA LEU B 21 -0.61 -11.43 -10.93
C LEU B 21 -1.20 -12.82 -10.68
N GLU B 22 -0.71 -13.81 -11.43
CA GLU B 22 -1.18 -15.19 -11.29
C GLU B 22 -0.66 -15.83 -10.02
N LEU B 23 0.50 -15.37 -9.54
CA LEU B 23 1.18 -16.05 -8.42
C LEU B 23 0.81 -15.49 -7.07
N ASP B 24 0.80 -14.17 -6.98
CA ASP B 24 0.54 -13.48 -5.72
C ASP B 24 -0.94 -13.61 -5.36
N VAL B 25 -1.19 -13.56 -4.06
CA VAL B 25 -2.51 -13.77 -3.48
C VAL B 25 -3.02 -12.43 -2.91
N ASP B 26 -2.11 -11.58 -2.43
CA ASP B 26 -2.50 -10.33 -1.76
C ASP B 26 -2.05 -9.06 -2.47
N ALA B 27 -2.82 -7.99 -2.28
CA ALA B 27 -2.48 -6.67 -2.81
C ALA B 27 -2.71 -5.60 -1.75
N TRP B 28 -1.88 -4.55 -1.82
CA TRP B 28 -2.16 -3.34 -1.07
C TRP B 28 -3.30 -2.62 -1.81
N VAL B 29 -4.37 -2.31 -1.08
CA VAL B 29 -5.56 -1.70 -1.67
C VAL B 29 -5.72 -0.29 -1.15
N SER B 30 -5.47 0.67 -2.04
CA SER B 30 -5.46 2.04 -1.66
C SER B 30 -6.72 2.75 -2.23
N THR B 31 -7.47 3.41 -1.35
CA THR B 31 -8.72 4.11 -1.66
C THR B 31 -8.73 5.43 -1.01
N ALA B 32 -9.75 6.23 -1.29
CA ALA B 32 -9.88 7.53 -0.67
C ALA B 32 -11.32 7.80 -0.36
N GLY B 33 -11.55 8.43 0.79
CA GLY B 33 -12.92 8.95 1.11
C GLY B 33 -13.49 9.89 0.06
N ALA B 34 -14.80 9.80 -0.18
CA ALA B 34 -15.45 10.69 -1.14
C ALA B 34 -15.33 12.16 -0.80
N ASP B 35 -15.10 12.50 0.46
CA ASP B 35 -15.08 13.91 0.86
C ASP B 35 -13.71 14.60 0.94
N GLY B 36 -12.64 13.90 0.64
CA GLY B 36 -11.37 14.57 0.33
C GLY B 36 -10.40 14.50 1.47
N GLY B 37 -9.12 14.49 1.10
CA GLY B 37 -8.02 14.28 2.03
C GLY B 37 -8.17 13.17 3.02
N ALA B 38 -8.71 12.02 2.58
CA ALA B 38 -8.97 10.90 3.49
C ALA B 38 -8.47 9.56 2.92
N PRO B 39 -7.13 9.35 2.91
CA PRO B 39 -6.58 8.12 2.35
C PRO B 39 -6.90 6.93 3.23
N TYR B 40 -7.01 5.79 2.57
CA TYR B 40 -7.15 4.50 3.28
C TYR B 40 -6.35 3.44 2.55
N LEU B 41 -5.76 2.53 3.32
CA LEU B 41 -4.89 1.49 2.81
C LEU B 41 -5.07 0.20 3.64
N VAL B 42 -5.31 -0.92 2.96
CA VAL B 42 -5.43 -2.25 3.61
C VAL B 42 -4.94 -3.29 2.65
N PRO B 43 -4.41 -4.42 3.17
CA PRO B 43 -4.10 -5.54 2.28
C PRO B 43 -5.39 -6.38 2.09
N LEU B 44 -5.70 -6.77 0.87
CA LEU B 44 -6.79 -7.73 0.55
C LEU B 44 -6.25 -8.85 -0.34
N SER B 45 -6.84 -10.03 -0.20
CA SER B 45 -6.57 -11.17 -1.10
C SER B 45 -7.38 -10.95 -2.32
N TYR B 46 -6.87 -11.39 -3.45
CA TYR B 46 -7.55 -11.17 -4.70
C TYR B 46 -7.60 -12.44 -5.50
N LEU B 47 -8.58 -12.49 -6.37
CA LEU B 47 -8.64 -13.45 -7.49
C LEU B 47 -8.46 -12.70 -8.79
N TRP B 48 -7.43 -13.05 -9.56
CA TRP B 48 -7.20 -12.50 -10.88
C TRP B 48 -7.56 -13.56 -11.91
N ASP B 49 -8.41 -13.20 -12.86
CA ASP B 49 -8.83 -14.14 -13.90
C ASP B 49 -8.22 -13.93 -15.28
N GLY B 50 -7.24 -13.05 -15.42
CA GLY B 50 -6.68 -12.77 -16.72
C GLY B 50 -7.21 -11.46 -17.27
N GLU B 51 -8.31 -10.94 -16.72
CA GLU B 51 -8.68 -9.57 -17.06
C GLU B 51 -9.20 -8.66 -15.99
N THR B 52 -9.81 -9.17 -14.93
CA THR B 52 -10.17 -8.29 -13.79
C THR B 52 -9.80 -8.94 -12.48
N PHE B 53 -9.67 -8.12 -11.43
CA PHE B 53 -9.50 -8.60 -10.08
C PHE B 53 -10.86 -8.69 -9.36
N LEU B 54 -10.97 -9.67 -8.47
CA LEU B 54 -12.10 -9.82 -7.55
C LEU B 54 -11.53 -9.80 -6.12
N VAL B 55 -12.10 -8.92 -5.31
CA VAL B 55 -11.75 -8.82 -3.87
C VAL B 55 -13.07 -8.83 -3.11
N ALA B 56 -12.99 -8.88 -1.78
CA ALA B 56 -14.20 -8.85 -0.91
C ALA B 56 -13.85 -8.16 0.40
N THR B 57 -14.74 -7.32 0.91
CA THR B 57 -14.50 -6.63 2.19
C THR B 57 -15.88 -6.31 2.80
N PRO B 58 -15.95 -6.08 4.14
CA PRO B 58 -17.23 -5.69 4.67
C PRO B 58 -17.78 -4.40 4.01
N ALA B 59 -19.08 -4.38 3.69
CA ALA B 59 -19.70 -3.25 3.00
C ALA B 59 -19.51 -1.95 3.77
N ALA B 60 -19.51 -2.03 5.08
CA ALA B 60 -19.40 -0.86 5.93
C ALA B 60 -17.96 -0.49 6.32
N SER B 61 -16.96 -1.26 5.89
CA SER B 61 -15.56 -0.92 6.15
C SER B 61 -15.22 0.36 5.37
N PRO B 62 -14.22 1.14 5.86
CA PRO B 62 -13.79 2.28 5.07
C PRO B 62 -13.53 1.95 3.61
N THR B 63 -12.85 0.82 3.37
CA THR B 63 -12.54 0.39 2.03
C THR B 63 -13.79 0.06 1.19
N GLY B 64 -14.71 -0.72 1.77
CA GLY B 64 -16.01 -1.03 1.18
C GLY B 64 -16.75 0.23 0.79
N ARG B 65 -16.86 1.15 1.74
CA ARG B 65 -17.48 2.44 1.53
C ARG B 65 -16.81 3.27 0.44
N ASN B 66 -15.49 3.36 0.46
CA ASN B 66 -14.77 4.11 -0.58
C ASN B 66 -14.91 3.45 -1.97
N LEU B 67 -14.91 2.12 -2.04
CA LEU B 67 -15.06 1.43 -3.33
C LEU B 67 -16.50 1.62 -3.83
N SER B 68 -17.46 1.49 -2.91
CA SER B 68 -18.88 1.72 -3.21
C SER B 68 -19.14 3.17 -3.63
N GLU B 69 -18.58 4.14 -2.90
CA GLU B 69 -18.97 5.53 -3.11
C GLU B 69 -18.21 6.28 -4.19
N THR B 70 -16.97 5.87 -4.43
CA THR B 70 -16.07 6.50 -5.40
C THR B 70 -15.75 5.58 -6.60
N GLY B 71 -15.79 4.26 -6.41
CA GLY B 71 -15.34 3.37 -7.48
C GLY B 71 -13.89 3.40 -7.94
N ARG B 72 -13.03 4.15 -7.24
CA ARG B 72 -11.61 4.36 -7.60
C ARG B 72 -10.68 3.57 -6.63
N VAL B 73 -9.66 2.91 -7.19
CA VAL B 73 -8.77 2.07 -6.37
C VAL B 73 -7.42 1.99 -7.05
N ARG B 74 -6.38 1.94 -6.23
CA ARG B 74 -5.05 1.62 -6.63
C ARG B 74 -4.67 0.32 -5.92
N LEU B 75 -4.07 -0.58 -6.68
CA LEU B 75 -3.50 -1.85 -6.14
C LEU B 75 -1.98 -1.86 -6.28
N GLY B 76 -1.31 -2.21 -5.18
CA GLY B 76 0.16 -2.39 -5.16
C GLY B 76 0.46 -3.86 -4.95
N ILE B 77 1.09 -4.49 -5.93
CA ILE B 77 1.33 -5.94 -5.91
C ILE B 77 2.81 -6.18 -6.14
N GLY B 78 3.36 -7.16 -5.40
CA GLY B 78 4.73 -7.55 -5.57
C GLY B 78 5.71 -6.89 -4.62
N PRO B 79 6.97 -7.26 -4.70
CA PRO B 79 8.03 -6.56 -3.98
C PRO B 79 8.12 -5.12 -4.44
N THR B 80 8.57 -4.24 -3.55
CA THR B 80 8.65 -2.82 -3.87
C THR B 80 9.72 -2.54 -4.95
N ARG B 81 10.68 -3.46 -5.15
CA ARG B 81 11.70 -3.30 -6.21
C ARG B 81 11.40 -4.20 -7.40
N ASP B 82 10.19 -4.76 -7.42
CA ASP B 82 9.74 -5.50 -8.57
C ASP B 82 8.21 -5.48 -8.55
N LEU B 83 7.68 -4.31 -8.73
CA LEU B 83 6.33 -3.98 -8.34
C LEU B 83 5.43 -3.93 -9.56
N VAL B 84 4.15 -4.09 -9.27
CA VAL B 84 3.04 -3.94 -10.21
C VAL B 84 2.05 -2.98 -9.52
N LEU B 85 1.72 -1.87 -10.19
CA LEU B 85 0.79 -0.86 -9.67
C LEU B 85 -0.32 -0.76 -10.65
N VAL B 86 -1.53 -0.94 -10.17
CA VAL B 86 -2.74 -0.92 -10.95
C VAL B 86 -3.67 0.20 -10.53
N GLU B 87 -4.07 1.00 -11.50
CA GLU B 87 -5.17 1.95 -11.30
C GLU B 87 -6.42 1.35 -11.91
N GLY B 88 -7.44 1.21 -11.08
CA GLY B 88 -8.66 0.52 -11.49
C GLY B 88 -9.98 1.14 -11.04
N THR B 89 -11.05 0.64 -11.63
CA THR B 89 -12.40 1.07 -11.30
C THR B 89 -13.15 -0.11 -10.73
N ALA B 90 -13.88 0.13 -9.65
CA ALA B 90 -14.47 -0.93 -8.87
C ALA B 90 -16.01 -0.90 -8.97
N LEU B 91 -16.59 -2.09 -9.15
CA LEU B 91 -18.05 -2.25 -9.08
C LEU B 91 -18.42 -3.29 -8.04
N PRO B 92 -19.46 -3.01 -7.23
CA PRO B 92 -19.87 -3.88 -6.13
C PRO B 92 -20.69 -5.04 -6.62
N LEU B 93 -20.49 -6.22 -6.02
CA LEU B 93 -21.32 -7.42 -6.28
C LEU B 93 -21.80 -8.03 -4.96
N GLU B 94 -23.12 -8.14 -4.85
CA GLU B 94 -23.75 -8.88 -3.75
C GLU B 94 -23.35 -10.34 -3.71
N PRO B 95 -22.98 -10.85 -2.51
CA PRO B 95 -22.60 -12.27 -2.45
C PRO B 95 -23.70 -13.18 -2.91
N ALA B 96 -24.96 -12.82 -2.63
CA ALA B 96 -26.10 -13.64 -2.95
C ALA B 96 -26.35 -13.76 -4.46
N GLY B 97 -25.76 -12.85 -5.25
CA GLY B 97 -25.95 -12.87 -6.71
C GLY B 97 -24.74 -13.36 -7.48
N LEU B 98 -23.62 -13.54 -6.77
CA LEU B 98 -22.37 -13.92 -7.41
C LEU B 98 -22.55 -15.31 -8.07
N PRO B 99 -22.11 -15.47 -9.35
CA PRO B 99 -22.10 -16.81 -9.94
C PRO B 99 -21.46 -17.86 -9.02
N ASP B 100 -22.01 -19.07 -8.98
CA ASP B 100 -21.54 -20.11 -8.04
C ASP B 100 -20.05 -20.43 -8.22
N GLY B 101 -19.68 -20.66 -9.49
CA GLY B 101 -18.31 -21.07 -9.83
C GLY B 101 -17.28 -20.00 -9.49
N VAL B 102 -17.63 -18.74 -9.76
CA VAL B 102 -16.75 -17.60 -9.40
C VAL B 102 -16.56 -17.50 -7.88
N GLY B 103 -17.64 -17.52 -7.12
CA GLY B 103 -17.58 -17.60 -5.66
C GLY B 103 -16.69 -18.73 -5.15
N ASP B 104 -16.82 -19.91 -5.78
CA ASP B 104 -16.08 -21.12 -5.37
C ASP B 104 -14.63 -20.92 -5.65
N THR B 105 -14.33 -20.39 -6.85
CA THR B 105 -12.95 -20.11 -7.22
C THR B 105 -12.30 -19.05 -6.31
N PHE B 106 -13.05 -17.98 -6.01
CA PHE B 106 -12.54 -16.99 -5.08
C PHE B 106 -12.12 -17.67 -3.75
N ALA B 107 -13.02 -18.48 -3.20
CA ALA B 107 -12.80 -19.17 -1.92
C ALA B 107 -11.65 -20.20 -1.93
N GLU B 108 -11.46 -20.90 -3.05
CA GLU B 108 -10.29 -21.76 -3.26
C GLU B 108 -9.01 -20.95 -3.33
N LYS B 109 -9.03 -19.81 -4.02
CA LYS B 109 -7.82 -19.02 -4.20
C LYS B 109 -7.41 -18.35 -2.88
N THR B 110 -8.39 -17.84 -2.14
CA THR B 110 -8.08 -16.93 -1.02
C THR B 110 -8.27 -17.55 0.34
N GLY B 111 -8.98 -18.65 0.44
CA GLY B 111 -9.20 -19.27 1.73
C GLY B 111 -10.37 -18.73 2.53
N PHE B 112 -11.10 -17.76 2.02
CA PHE B 112 -12.39 -17.42 2.66
C PHE B 112 -13.52 -17.22 1.69
N ASP B 113 -14.73 -17.28 2.23
CA ASP B 113 -15.94 -17.26 1.44
C ASP B 113 -16.92 -16.27 2.04
N PRO B 114 -16.96 -15.03 1.50
CA PRO B 114 -17.97 -14.02 1.88
C PRO B 114 -19.43 -14.49 1.91
N ARG B 115 -19.84 -15.42 1.05
CA ARG B 115 -21.24 -15.88 1.04
C ARG B 115 -21.65 -16.51 2.37
N ARG B 116 -20.70 -17.10 3.09
CA ARG B 116 -21.01 -17.85 4.30
C ARG B 116 -20.88 -16.98 5.55
N LEU B 117 -20.25 -15.82 5.42
CA LEU B 117 -20.06 -14.94 6.57
C LEU B 117 -21.34 -14.14 6.87
N THR B 118 -21.61 -13.96 8.16
CA THR B 118 -22.84 -13.28 8.62
C THR B 118 -22.69 -11.75 8.52
N THR B 119 -21.50 -11.23 8.84
CA THR B 119 -21.16 -9.82 8.52
C THR B 119 -21.42 -9.58 7.03
N SER B 120 -22.02 -8.43 6.73
CA SER B 120 -22.37 -8.06 5.37
C SER B 120 -21.11 -7.68 4.59
N TYR B 121 -20.73 -8.53 3.65
CA TYR B 121 -19.60 -8.32 2.74
C TYR B 121 -20.10 -7.90 1.38
N LEU B 122 -19.28 -7.17 0.64
CA LEU B 122 -19.49 -7.07 -0.77
C LEU B 122 -18.28 -7.61 -1.46
N TYR B 123 -18.48 -8.26 -2.60
CA TYR B 123 -17.37 -8.42 -3.52
C TYR B 123 -17.25 -7.13 -4.35
N PHE B 124 -16.03 -6.85 -4.81
CA PHE B 124 -15.79 -5.80 -5.82
C PHE B 124 -14.99 -6.38 -6.96
N ARG B 125 -15.51 -6.15 -8.16
CA ARG B 125 -14.79 -6.50 -9.36
C ARG B 125 -14.07 -5.24 -9.81
N ILE B 126 -12.77 -5.33 -9.98
CA ILE B 126 -11.96 -4.16 -10.27
C ILE B 126 -11.41 -4.36 -11.66
N SER B 127 -11.70 -3.40 -12.54
CA SER B 127 -11.25 -3.46 -13.93
C SER B 127 -9.99 -2.67 -14.06
N PRO B 128 -8.87 -3.28 -14.53
CA PRO B 128 -7.67 -2.46 -14.66
C PRO B 128 -7.78 -1.41 -15.76
N ARG B 129 -7.38 -0.20 -15.46
CA ARG B 129 -7.32 0.85 -16.49
C ARG B 129 -5.89 1.23 -16.82
N ARG B 130 -5.03 1.42 -15.82
CA ARG B 130 -3.59 1.61 -16.03
C ARG B 130 -2.85 0.62 -15.21
N VAL B 131 -1.69 0.22 -15.76
CA VAL B 131 -0.80 -0.71 -15.10
C VAL B 131 0.62 -0.20 -15.28
N GLN B 132 1.34 -0.07 -14.19
CA GLN B 132 2.70 0.30 -14.23
C GLN B 132 3.47 -0.81 -13.56
N ALA B 133 4.67 -1.06 -14.06
CA ALA B 133 5.48 -2.12 -13.51
C ALA B 133 6.84 -1.63 -13.74
N TRP B 134 7.64 -1.63 -12.70
CA TRP B 134 8.97 -1.21 -12.91
C TRP B 134 9.79 -1.69 -11.76
N ARG B 135 11.05 -2.02 -12.01
CA ARG B 135 12.01 -2.20 -10.90
C ARG B 135 12.63 -0.81 -10.54
N GLU B 136 13.57 -0.33 -11.35
CA GLU B 136 14.39 0.81 -10.94
C GLU B 136 14.22 2.03 -11.90
N ALA B 137 14.99 3.10 -11.66
CA ALA B 137 14.86 4.33 -12.43
C ALA B 137 14.96 3.95 -13.88
N ASN B 138 15.80 2.92 -14.12
CA ASN B 138 16.01 2.32 -15.42
C ASN B 138 14.65 2.10 -16.14
N GLU B 139 13.62 1.77 -15.35
CA GLU B 139 12.34 1.32 -15.87
C GLU B 139 11.15 2.28 -15.64
N LEU B 140 11.42 3.42 -15.02
CA LEU B 140 10.38 4.46 -14.93
C LEU B 140 9.78 4.86 -16.28
N SER B 141 10.63 5.05 -17.29
CA SER B 141 10.20 5.61 -18.58
C SER B 141 9.18 4.74 -19.33
N GLY B 142 9.42 3.42 -19.40
CA GLY B 142 8.49 2.49 -20.06
C GLY B 142 7.61 1.73 -19.08
N ARG B 143 7.34 2.31 -17.91
CA ARG B 143 6.69 1.61 -16.84
C ARG B 143 5.25 1.37 -17.12
N GLU B 144 4.67 2.19 -17.97
CA GLU B 144 3.24 2.12 -18.21
C GLU B 144 3.01 0.99 -19.22
N LEU B 145 2.34 -0.06 -18.77
CA LEU B 145 2.24 -1.31 -19.55
C LEU B 145 0.87 -1.39 -20.13
N ARG B 147 -2.54 1.35 -20.58
CA ARG B 147 -3.28 2.60 -20.49
C ARG B 147 -4.66 2.35 -21.14
N ASP B 148 -5.71 2.87 -20.48
CA ASP B 148 -7.11 2.76 -20.94
C ASP B 148 -7.59 1.30 -21.22
N GLY B 149 -7.29 0.43 -20.27
CA GLY B 149 -7.70 -0.97 -20.33
C GLY B 149 -7.00 -1.86 -21.35
N GLU B 150 -5.93 -1.37 -22.01
CA GLU B 150 -5.31 -2.10 -23.12
C GLU B 150 -3.80 -2.23 -22.91
N TRP B 151 -3.27 -3.44 -22.97
CA TRP B 151 -1.82 -3.65 -22.84
C TRP B 151 -1.06 -2.98 -24.01
N LEU B 152 0.12 -2.42 -23.73
CA LEU B 152 0.88 -1.64 -24.74
C LEU B 152 2.11 -2.42 -25.23
#